data_8IU0
#
_entry.id   8IU0
#
_cell.length_a   1.00
_cell.length_b   1.00
_cell.length_c   1.00
_cell.angle_alpha   90.00
_cell.angle_beta   90.00
_cell.angle_gamma   90.00
#
_symmetry.space_group_name_H-M   'P 1'
#
loop_
_entity.id
_entity.type
_entity.pdbx_description
1 polymer HcKCR1
2 non-polymer RETINAL
3 non-polymer '(7R,17E,20E)-4-HYDROXY-N,N,N-TRIMETHYL-9-OXO-7-[(PALMITOYLOXY)METHYL]-3,5,8-TRIOXA-4-PHOSPHAHEXACOSA-17,20-DIEN-1-AMINIUM 4-OXIDE'
4 non-polymer 'PALMITIC ACID'
5 water water
#
_entity_poly.entity_id   1
_entity_poly.type   'polypeptide(L)'
_entity_poly.pdbx_seq_one_letter_code
;GPMPFYDSRPPEGWPKGSINDMDYPLLGSICAVCCVFVAGSGIWMLYRLDLGMGYSCKPYKSGRAPEVNSLSGIICLLCG
TMYAAKSFDFFDGGGTPFSLNWYWYLDYVFTCPLLILDFAFTLDLPHKIRYFFAVFLTLWCGVAAFVTPSAYRFAYYALG
CCWFTPFALSLMRHVKERYLVYPPKCQRWLFWACVIFFGFWPMFPILFIFSWLGTGHISQQAFYIIFAFLDLTCKSIFGI
LMTVFRLELEEHTEVQGLPLNEPETLSLEVLFQ
;
_entity_poly.pdbx_strand_id   A
#
loop_
_chem_comp.id
_chem_comp.type
_chem_comp.name
_chem_comp.formula
PLM non-polymer 'PALMITIC ACID' 'C16 H32 O2'
PSC non-polymer '(7R,17E,20E)-4-HYDROXY-N,N,N-TRIMETHYL-9-OXO-7-[(PALMITOYLOXY)METHYL]-3,5,8-TRIOXA-4-PHOSPHAHEXACOSA-17,20-DIEN-1-AMINIUM 4-OXIDE' 'C42 H81 N O8 P 1'
RET non-polymer RETINAL 'C20 H28 O'
#
# COMPACT_ATOMS: atom_id res chain seq x y z
N SER A 8 22.76 -5.11 -16.32
CA SER A 8 23.39 -6.15 -15.46
C SER A 8 24.57 -5.55 -14.70
N ARG A 9 24.52 -5.60 -13.35
CA ARG A 9 25.50 -4.93 -12.51
C ARG A 9 26.90 -5.51 -12.79
N PRO A 10 27.10 -6.85 -12.83
CA PRO A 10 28.40 -7.41 -13.23
C PRO A 10 28.64 -7.12 -14.71
N PRO A 11 29.87 -6.74 -15.13
CA PRO A 11 30.14 -6.38 -16.51
C PRO A 11 29.69 -7.42 -17.53
N GLU A 12 30.00 -8.69 -17.24
CA GLU A 12 29.63 -9.80 -18.09
C GLU A 12 28.17 -10.20 -17.83
N GLY A 13 27.57 -9.63 -16.77
CA GLY A 13 26.18 -9.87 -16.43
C GLY A 13 26.05 -10.82 -15.24
N TRP A 14 24.80 -10.99 -14.76
CA TRP A 14 24.53 -11.77 -13.56
C TRP A 14 25.09 -13.18 -13.74
N PRO A 15 25.80 -13.73 -12.73
CA PRO A 15 26.19 -15.15 -12.73
C PRO A 15 24.98 -16.06 -12.91
N LYS A 16 25.15 -17.11 -13.72
CA LYS A 16 24.07 -18.02 -14.05
C LYS A 16 23.65 -18.79 -12.79
N GLY A 17 22.34 -18.83 -12.51
CA GLY A 17 21.82 -19.52 -11.34
C GLY A 17 21.88 -18.67 -10.08
N SER A 18 22.20 -17.38 -10.23
CA SER A 18 22.16 -16.43 -9.12
C SER A 18 20.71 -16.06 -8.83
N ILE A 19 20.48 -15.45 -7.65
CA ILE A 19 19.17 -14.90 -7.33
C ILE A 19 18.81 -13.82 -8.33
N ASN A 20 19.82 -13.20 -8.96
CA ASN A 20 19.60 -12.12 -9.93
C ASN A 20 19.44 -12.67 -11.35
N ASP A 21 19.65 -13.97 -11.56
CA ASP A 21 19.45 -14.57 -12.87
C ASP A 21 17.95 -14.84 -13.10
N MET A 22 17.22 -13.77 -13.50
CA MET A 22 15.76 -13.80 -13.63
C MET A 22 15.38 -13.62 -15.10
N ASP A 23 14.09 -13.36 -15.34
CA ASP A 23 13.53 -13.10 -16.67
C ASP A 23 13.14 -11.62 -16.75
N TYR A 24 14.17 -10.78 -16.89
CA TYR A 24 14.04 -9.34 -16.77
C TYR A 24 12.94 -8.77 -17.68
N PRO A 25 12.78 -9.20 -18.95
CA PRO A 25 11.70 -8.69 -19.79
C PRO A 25 10.30 -8.87 -19.21
N LEU A 26 9.95 -10.10 -18.81
CA LEU A 26 8.66 -10.36 -18.17
C LEU A 26 8.50 -9.48 -16.92
N LEU A 27 9.52 -9.38 -16.09
CA LEU A 27 9.42 -8.55 -14.92
C LEU A 27 9.07 -7.11 -15.33
N GLY A 28 9.79 -6.59 -16.33
CA GLY A 28 9.61 -5.23 -16.81
C GLY A 28 8.17 -4.97 -17.24
N SER A 29 7.63 -5.91 -18.01
CA SER A 29 6.28 -5.88 -18.53
C SER A 29 5.21 -5.85 -17.42
N ILE A 30 5.26 -6.82 -16.52
CA ILE A 30 4.38 -6.85 -15.35
C ILE A 30 4.36 -5.49 -14.63
N CYS A 31 5.49 -4.86 -14.46
CA CYS A 31 5.48 -3.58 -13.80
C CYS A 31 4.91 -2.50 -14.71
N ALA A 32 5.12 -2.58 -16.01
CA ALA A 32 4.58 -1.53 -16.88
C ALA A 32 3.06 -1.59 -16.80
N VAL A 33 2.50 -2.78 -16.63
CA VAL A 33 1.07 -2.90 -16.55
C VAL A 33 0.57 -2.47 -15.17
N CYS A 34 1.30 -2.88 -14.16
CA CYS A 34 0.97 -2.49 -12.81
C CYS A 34 0.98 -0.96 -12.79
N CYS A 35 1.92 -0.35 -13.51
CA CYS A 35 2.06 1.11 -13.50
C CYS A 35 0.81 1.78 -14.08
N VAL A 36 0.48 1.45 -15.31
CA VAL A 36 -0.71 2.02 -15.91
C VAL A 36 -1.95 1.87 -15.03
N PHE A 37 -2.23 0.66 -14.54
N PHE A 37 -2.24 0.66 -14.55
CA PHE A 37 -3.48 0.40 -13.84
CA PHE A 37 -3.48 0.41 -13.84
C PHE A 37 -3.54 1.16 -12.51
C PHE A 37 -3.54 1.18 -12.52
N VAL A 38 -2.42 1.28 -11.82
CA VAL A 38 -2.42 1.94 -10.53
C VAL A 38 -2.55 3.44 -10.74
N ALA A 39 -1.77 3.98 -11.69
CA ALA A 39 -1.82 5.39 -12.02
C ALA A 39 -3.19 5.79 -12.56
N GLY A 40 -3.79 4.92 -13.37
CA GLY A 40 -5.13 5.20 -13.86
C GLY A 40 -6.13 5.30 -12.72
N SER A 41 -6.06 4.34 -11.80
CA SER A 41 -6.99 4.30 -10.69
C SER A 41 -6.83 5.56 -9.85
N GLY A 42 -5.58 5.95 -9.60
CA GLY A 42 -5.33 7.18 -8.87
C GLY A 42 -5.91 8.40 -9.58
N ILE A 43 -5.79 8.45 -10.90
CA ILE A 43 -6.28 9.58 -11.67
C ILE A 43 -7.80 9.65 -11.49
N TRP A 44 -8.48 8.51 -11.68
CA TRP A 44 -9.92 8.44 -11.49
C TRP A 44 -10.30 8.97 -10.11
N MET A 45 -9.51 8.60 -9.09
CA MET A 45 -9.85 8.90 -7.71
C MET A 45 -9.87 10.41 -7.50
N LEU A 46 -8.88 11.13 -8.01
CA LEU A 46 -8.80 12.57 -7.82
C LEU A 46 -9.85 13.29 -8.67
N TYR A 47 -10.14 12.75 -9.84
CA TYR A 47 -11.17 13.31 -10.69
C TYR A 47 -12.55 13.23 -10.01
N ARG A 48 -12.90 12.08 -9.42
CA ARG A 48 -14.22 11.87 -8.87
C ARG A 48 -14.41 12.72 -7.59
N LEU A 49 -13.31 12.94 -6.84
CA LEU A 49 -13.26 13.82 -5.68
C LEU A 49 -13.59 15.26 -6.08
N ASP A 50 -13.14 15.69 -7.24
CA ASP A 50 -13.41 17.03 -7.72
C ASP A 50 -14.82 17.21 -8.25
N LEU A 51 -15.66 16.17 -8.31
CA LEU A 51 -16.97 16.41 -8.90
C LEU A 51 -17.90 17.03 -7.88
N GLY A 52 -17.67 16.74 -6.58
CA GLY A 52 -18.50 17.26 -5.51
C GLY A 52 -18.58 16.31 -4.32
N MET A 53 -19.75 16.27 -3.65
CA MET A 53 -19.96 15.46 -2.45
C MET A 53 -21.06 14.44 -2.70
N GLY A 54 -20.72 13.17 -2.55
CA GLY A 54 -21.70 12.10 -2.66
C GLY A 54 -21.96 11.70 -4.11
N TYR A 55 -22.84 10.71 -4.26
CA TYR A 55 -23.25 10.24 -5.57
C TYR A 55 -24.03 11.32 -6.29
N SER A 56 -24.66 12.23 -5.54
CA SER A 56 -25.38 13.34 -6.14
C SER A 56 -24.46 14.51 -6.52
N CYS A 57 -23.14 14.33 -6.37
CA CYS A 57 -22.16 15.35 -6.70
C CYS A 57 -22.65 16.73 -6.27
N LYS A 58 -22.95 16.87 -4.98
CA LYS A 58 -23.32 18.15 -4.42
C LYS A 58 -22.09 19.04 -4.43
N PRO A 59 -22.20 20.32 -4.84
CA PRO A 59 -21.07 21.25 -4.82
C PRO A 59 -20.54 21.56 -3.43
N TYR A 60 -19.20 21.58 -3.31
CA TYR A 60 -18.54 22.01 -2.09
C TYR A 60 -18.85 23.48 -1.86
N LYS A 61 -18.91 23.88 -0.58
CA LYS A 61 -19.26 25.24 -0.20
C LYS A 61 -18.09 26.18 -0.48
N SER A 62 -16.87 25.73 -0.15
CA SER A 62 -15.66 26.47 -0.45
C SER A 62 -15.29 26.37 -1.93
N GLY A 63 -15.98 25.48 -2.65
CA GLY A 63 -15.72 25.24 -4.04
C GLY A 63 -14.51 24.34 -4.28
N ARG A 64 -13.96 23.79 -3.19
CA ARG A 64 -12.86 22.86 -3.30
C ARG A 64 -13.04 21.78 -2.26
N ALA A 65 -12.39 20.63 -2.49
CA ALA A 65 -12.53 19.48 -1.63
C ALA A 65 -11.54 19.62 -0.48
N PRO A 66 -11.71 18.85 0.61
CA PRO A 66 -10.74 18.88 1.70
C PRO A 66 -9.36 18.42 1.25
N GLU A 67 -8.29 19.03 1.78
CA GLU A 67 -6.95 18.64 1.39
C GLU A 67 -6.71 17.14 1.60
N VAL A 68 -7.08 16.60 2.75
CA VAL A 68 -6.66 15.24 3.07
C VAL A 68 -7.33 14.25 2.13
N ASN A 69 -8.53 14.54 1.64
CA ASN A 69 -9.19 13.59 0.75
C ASN A 69 -8.35 13.22 -0.48
N SER A 70 -7.42 14.08 -0.88
CA SER A 70 -6.54 13.80 -1.99
C SER A 70 -5.57 12.63 -1.75
N LEU A 71 -5.36 12.16 -0.51
CA LEU A 71 -4.28 11.19 -0.25
C LEU A 71 -4.46 9.86 -0.97
N SER A 72 -5.65 9.25 -0.90
CA SER A 72 -5.89 8.03 -1.65
C SER A 72 -5.26 8.14 -3.05
N GLY A 73 -5.72 9.13 -3.83
CA GLY A 73 -5.30 9.29 -5.21
C GLY A 73 -3.81 9.60 -5.35
N ILE A 74 -3.30 10.44 -4.47
CA ILE A 74 -1.88 10.75 -4.49
C ILE A 74 -1.09 9.45 -4.26
N ILE A 75 -1.50 8.62 -3.29
CA ILE A 75 -0.75 7.39 -3.01
C ILE A 75 -0.71 6.54 -4.28
N CYS A 76 -1.82 6.36 -4.95
CA CYS A 76 -1.76 5.61 -6.18
C CYS A 76 -0.76 6.19 -7.19
N LEU A 77 -0.73 7.50 -7.39
CA LEU A 77 0.13 8.07 -8.42
C LEU A 77 1.59 7.93 -8.03
N LEU A 78 1.86 8.04 -6.74
CA LEU A 78 3.21 7.80 -6.26
C LEU A 78 3.64 6.35 -6.52
N CYS A 79 2.78 5.39 -6.20
CA CYS A 79 3.02 3.99 -6.49
C CYS A 79 3.17 3.79 -7.99
N GLY A 80 2.31 4.38 -8.79
CA GLY A 80 2.37 4.19 -10.23
C GLY A 80 3.66 4.74 -10.83
N THR A 81 4.14 5.84 -10.25
CA THR A 81 5.38 6.42 -10.73
C THR A 81 6.53 5.51 -10.38
N MET A 82 6.45 4.86 -9.22
CA MET A 82 7.53 3.99 -8.78
C MET A 82 7.53 2.72 -9.62
N TYR A 83 6.37 2.23 -10.03
CA TYR A 83 6.36 1.03 -10.85
C TYR A 83 6.84 1.34 -12.26
N ALA A 84 6.82 2.61 -12.69
CA ALA A 84 7.39 2.94 -13.99
C ALA A 84 8.91 2.85 -13.90
N ALA A 85 9.48 3.57 -12.92
CA ALA A 85 10.88 3.45 -12.58
C ALA A 85 11.32 1.98 -12.56
N LYS A 86 10.59 1.12 -11.81
CA LYS A 86 10.93 -0.30 -11.69
C LYS A 86 10.89 -1.00 -13.04
N SER A 87 9.89 -0.71 -13.86
CA SER A 87 9.91 -1.24 -15.21
C SER A 87 11.24 -0.88 -15.91
N PHE A 88 11.71 0.37 -15.80
CA PHE A 88 12.86 0.81 -16.57
C PHE A 88 14.09 0.01 -16.16
N ASP A 89 14.20 -0.25 -14.86
CA ASP A 89 15.29 -1.04 -14.32
C ASP A 89 15.29 -2.47 -14.88
N PHE A 90 14.16 -3.16 -14.81
CA PHE A 90 14.04 -4.49 -15.37
C PHE A 90 14.34 -4.49 -16.86
N PHE A 91 13.77 -3.55 -17.63
CA PHE A 91 14.01 -3.53 -19.07
C PHE A 91 15.45 -3.16 -19.42
N ASP A 92 16.12 -2.41 -18.54
CA ASP A 92 17.56 -2.21 -18.63
C ASP A 92 18.36 -3.39 -18.07
N GLY A 93 17.70 -4.48 -17.65
CA GLY A 93 18.34 -5.74 -17.32
C GLY A 93 18.73 -5.91 -15.84
N GLY A 94 18.48 -4.90 -15.01
CA GLY A 94 18.64 -5.03 -13.57
C GLY A 94 19.96 -4.47 -13.05
N GLY A 95 19.94 -4.00 -11.80
CA GLY A 95 21.12 -3.56 -11.10
C GLY A 95 21.60 -2.22 -11.65
N THR A 96 20.64 -1.37 -11.98
CA THR A 96 20.92 -0.09 -12.59
C THR A 96 21.19 0.93 -11.47
N PRO A 97 21.86 2.07 -11.73
CA PRO A 97 22.21 3.02 -10.68
C PRO A 97 21.05 3.63 -9.90
N PHE A 98 19.89 3.80 -10.53
CA PHE A 98 18.71 4.24 -9.79
C PHE A 98 17.67 3.13 -9.85
N SER A 99 17.83 2.13 -8.98
CA SER A 99 16.97 0.94 -9.03
C SER A 99 16.07 0.90 -7.81
N LEU A 100 14.75 0.96 -8.02
CA LEU A 100 13.79 0.74 -6.95
C LEU A 100 13.52 -0.76 -6.79
N ASN A 101 14.21 -1.62 -7.53
CA ASN A 101 14.06 -3.04 -7.33
C ASN A 101 15.07 -3.60 -6.33
N TRP A 102 16.12 -2.82 -6.04
CA TRP A 102 17.32 -3.37 -5.45
C TRP A 102 17.18 -3.59 -3.95
N TYR A 103 16.91 -2.51 -3.22
CA TYR A 103 16.68 -2.53 -1.79
C TYR A 103 15.21 -2.80 -1.49
N TRP A 104 14.83 -4.07 -1.32
CA TRP A 104 13.45 -4.39 -0.98
C TRP A 104 12.96 -3.55 0.21
N TYR A 105 11.77 -2.97 0.06
CA TYR A 105 10.96 -2.34 1.08
C TYR A 105 11.29 -0.87 1.16
N LEU A 106 12.22 -0.39 0.35
CA LEU A 106 12.53 1.01 0.51
C LEU A 106 11.40 1.87 -0.08
N ASP A 107 10.81 1.46 -1.21
CA ASP A 107 9.68 2.15 -1.79
C ASP A 107 8.48 2.23 -0.83
N TYR A 108 8.26 1.17 -0.06
CA TYR A 108 7.14 1.11 0.86
C TYR A 108 7.33 2.02 2.06
N VAL A 109 8.55 2.48 2.31
CA VAL A 109 8.81 3.41 3.40
C VAL A 109 8.12 4.75 3.10
N PHE A 110 7.84 5.01 1.83
CA PHE A 110 7.14 6.24 1.45
C PHE A 110 5.64 6.06 1.32
N THR A 111 5.12 4.86 1.12
CA THR A 111 3.69 4.73 0.85
C THR A 111 2.92 4.23 2.06
N CYS A 112 3.48 3.23 2.75
CA CYS A 112 2.73 2.54 3.77
C CYS A 112 2.23 3.52 4.84
N PRO A 113 3.08 4.44 5.34
CA PRO A 113 2.63 5.40 6.33
C PRO A 113 1.57 6.35 5.79
N LEU A 114 1.70 6.79 4.54
CA LEU A 114 0.63 7.57 3.92
C LEU A 114 -0.67 6.79 3.86
N LEU A 115 -0.61 5.51 3.52
CA LEU A 115 -1.84 4.73 3.49
C LEU A 115 -2.56 4.79 4.84
N ILE A 116 -1.81 4.64 5.93
CA ILE A 116 -2.44 4.49 7.24
C ILE A 116 -2.99 5.86 7.65
N LEU A 117 -2.33 6.95 7.24
CA LEU A 117 -2.91 8.28 7.42
C LEU A 117 -4.22 8.43 6.66
N ASP A 118 -4.19 8.14 5.36
CA ASP A 118 -5.42 8.10 4.60
C ASP A 118 -6.51 7.41 5.41
N PHE A 119 -6.26 6.16 5.84
CA PHE A 119 -7.29 5.38 6.51
C PHE A 119 -7.78 6.06 7.80
N ALA A 120 -6.86 6.63 8.57
CA ALA A 120 -7.16 7.24 9.86
C ALA A 120 -7.94 8.54 9.70
N PHE A 121 -7.54 9.36 8.72
CA PHE A 121 -8.29 10.58 8.44
C PHE A 121 -9.71 10.23 8.01
N THR A 122 -9.86 9.19 7.19
CA THR A 122 -11.16 8.84 6.66
C THR A 122 -12.11 8.42 7.79
N LEU A 123 -11.59 7.69 8.79
CA LEU A 123 -12.45 7.17 9.85
C LEU A 123 -12.39 8.04 11.10
N ASP A 124 -11.45 8.97 11.15
CA ASP A 124 -11.25 9.74 12.35
C ASP A 124 -10.86 8.79 13.49
N LEU A 125 -9.82 7.99 13.23
CA LEU A 125 -9.21 7.22 14.30
C LEU A 125 -8.40 8.18 15.16
N PRO A 126 -8.26 7.89 16.47
CA PRO A 126 -7.30 8.58 17.32
C PRO A 126 -5.87 8.18 17.06
N HIS A 127 -4.94 9.02 17.51
CA HIS A 127 -3.53 8.69 17.57
C HIS A 127 -2.97 8.59 16.16
N LYS A 128 -3.29 9.58 15.34
CA LYS A 128 -2.79 9.62 13.99
C LYS A 128 -1.27 9.57 13.97
N ILE A 129 -0.59 10.29 14.87
CA ILE A 129 0.85 10.35 14.81
C ILE A 129 1.45 9.00 15.28
N ARG A 130 0.91 8.42 16.34
CA ARG A 130 1.39 7.12 16.78
C ARG A 130 1.27 6.13 15.63
N TYR A 131 0.11 6.09 14.99
CA TYR A 131 -0.09 5.13 13.92
C TYR A 131 0.93 5.36 12.82
N PHE A 132 1.17 6.61 12.43
CA PHE A 132 2.11 6.85 11.36
C PHE A 132 3.49 6.29 11.71
N PHE A 133 4.04 6.64 12.88
CA PHE A 133 5.38 6.20 13.24
C PHE A 133 5.44 4.69 13.35
N ALA A 134 4.43 4.05 13.95
CA ALA A 134 4.45 2.60 14.05
C ALA A 134 4.69 1.97 12.67
N VAL A 135 4.01 2.47 11.64
CA VAL A 135 4.15 1.85 10.33
C VAL A 135 5.55 2.14 9.79
N PHE A 136 5.99 3.39 9.86
CA PHE A 136 7.29 3.79 9.37
C PHE A 136 8.40 2.92 9.96
N LEU A 137 8.39 2.72 11.28
CA LEU A 137 9.43 1.92 11.89
C LEU A 137 9.38 0.47 11.43
N THR A 138 8.19 -0.12 11.38
CA THR A 138 8.05 -1.46 10.86
C THR A 138 8.74 -1.54 9.49
N LEU A 139 8.44 -0.60 8.60
CA LEU A 139 8.95 -0.76 7.26
C LEU A 139 10.48 -0.67 7.29
N TRP A 140 11.05 0.32 7.99
CA TRP A 140 12.50 0.39 8.19
C TRP A 140 13.12 -0.93 8.72
N CYS A 141 12.49 -1.60 9.67
CA CYS A 141 13.01 -2.88 10.13
C CYS A 141 13.07 -3.88 9.00
N GLY A 142 12.12 -3.82 8.07
CA GLY A 142 12.16 -4.72 6.91
C GLY A 142 13.37 -4.45 6.02
N VAL A 143 13.62 -3.17 5.73
CA VAL A 143 14.76 -2.77 4.94
C VAL A 143 16.04 -3.37 5.52
N ALA A 144 16.29 -3.13 6.80
CA ALA A 144 17.44 -3.68 7.52
C ALA A 144 17.49 -5.21 7.46
N ALA A 145 16.34 -5.88 7.58
CA ALA A 145 16.31 -7.34 7.59
C ALA A 145 16.79 -7.90 6.25
N PHE A 146 16.48 -7.19 5.15
N PHE A 146 16.44 -7.20 5.17
CA PHE A 146 16.79 -7.67 3.82
CA PHE A 146 16.80 -7.65 3.84
C PHE A 146 18.24 -7.39 3.42
C PHE A 146 18.30 -7.49 3.59
N VAL A 147 18.85 -6.31 3.93
CA VAL A 147 20.23 -6.01 3.56
C VAL A 147 21.21 -6.76 4.46
N THR A 148 20.80 -7.18 5.65
CA THR A 148 21.67 -7.88 6.57
C THR A 148 21.86 -9.34 6.12
N PRO A 149 23.09 -9.84 5.96
CA PRO A 149 23.30 -11.27 5.70
C PRO A 149 23.48 -12.24 6.87
N SER A 150 23.83 -11.75 8.05
CA SER A 150 23.95 -12.63 9.21
C SER A 150 22.58 -13.14 9.69
N ALA A 151 22.58 -13.93 10.76
CA ALA A 151 21.34 -14.30 11.41
C ALA A 151 20.66 -13.08 12.02
N TYR A 152 21.39 -11.99 12.25
CA TYR A 152 20.80 -10.79 12.84
C TYR A 152 19.69 -10.27 11.94
N ARG A 153 19.67 -10.70 10.67
CA ARG A 153 18.53 -10.53 9.77
C ARG A 153 17.22 -10.84 10.49
N PHE A 154 17.20 -11.88 11.32
CA PHE A 154 16.01 -12.22 12.07
C PHE A 154 15.83 -11.38 13.33
N ALA A 155 16.90 -10.91 13.94
CA ALA A 155 16.78 -9.88 14.97
C ALA A 155 16.02 -8.69 14.42
N TYR A 156 16.34 -8.28 13.18
CA TYR A 156 15.68 -7.12 12.63
C TYR A 156 14.23 -7.46 12.32
N TYR A 157 13.99 -8.65 11.80
CA TYR A 157 12.62 -9.05 11.51
C TYR A 157 11.80 -9.04 12.80
N ALA A 158 12.31 -9.63 13.87
CA ALA A 158 11.56 -9.63 15.12
C ALA A 158 11.31 -8.21 15.66
N LEU A 159 12.31 -7.35 15.66
CA LEU A 159 12.08 -5.97 16.05
C LEU A 159 10.84 -5.40 15.33
N GLY A 160 10.71 -5.70 14.03
CA GLY A 160 9.64 -5.16 13.21
C GLY A 160 8.28 -5.74 13.57
N CYS A 161 8.27 -7.01 13.96
CA CYS A 161 7.06 -7.61 14.50
C CYS A 161 6.68 -6.98 15.84
N CYS A 162 7.67 -6.55 16.63
CA CYS A 162 7.36 -5.92 17.89
C CYS A 162 6.57 -4.63 17.65
N TRP A 163 6.90 -3.93 16.56
CA TRP A 163 6.15 -2.74 16.22
C TRP A 163 4.80 -3.13 15.63
N PHE A 164 4.82 -4.06 14.69
CA PHE A 164 3.62 -4.35 13.92
C PHE A 164 2.51 -4.95 14.77
N THR A 165 2.84 -5.90 15.63
CA THR A 165 1.80 -6.65 16.31
C THR A 165 0.94 -5.77 17.22
N PRO A 166 1.49 -4.96 18.12
CA PRO A 166 0.68 -4.01 18.85
C PRO A 166 -0.13 -3.08 17.95
N PHE A 167 0.51 -2.57 16.90
CA PHE A 167 -0.14 -1.68 15.95
C PHE A 167 -1.40 -2.34 15.38
N ALA A 168 -1.26 -3.59 14.92
CA ALA A 168 -2.37 -4.31 14.31
C ALA A 168 -3.52 -4.50 15.28
N LEU A 169 -3.26 -5.02 16.47
CA LEU A 169 -4.29 -5.17 17.48
C LEU A 169 -4.91 -3.83 17.84
N SER A 170 -4.08 -2.79 17.99
CA SER A 170 -4.61 -1.52 18.41
C SER A 170 -5.63 -1.01 17.40
N LEU A 171 -5.26 -1.06 16.13
CA LEU A 171 -6.11 -0.65 15.02
C LEU A 171 -7.39 -1.49 14.99
N MET A 172 -7.27 -2.80 14.98
CA MET A 172 -8.45 -3.65 14.96
C MET A 172 -9.46 -3.20 16.03
N ARG A 173 -8.99 -2.74 17.20
CA ARG A 173 -9.87 -2.36 18.30
C ARG A 173 -10.57 -1.04 18.02
N HIS A 174 -9.80 -0.10 17.49
CA HIS A 174 -10.26 1.23 17.19
C HIS A 174 -11.31 1.19 16.07
N VAL A 175 -11.03 0.41 15.04
CA VAL A 175 -11.92 0.26 13.90
C VAL A 175 -13.24 -0.35 14.33
N LYS A 176 -13.22 -1.38 15.18
CA LYS A 176 -14.47 -1.98 15.61
C LYS A 176 -15.30 -0.96 16.40
N GLU A 177 -14.65 0.07 16.97
CA GLU A 177 -15.35 1.09 17.73
C GLU A 177 -16.07 2.07 16.81
N ARG A 178 -15.52 2.32 15.61
CA ARG A 178 -16.08 3.30 14.70
C ARG A 178 -17.06 2.64 13.74
N TYR A 179 -16.95 1.33 13.57
CA TYR A 179 -17.80 0.60 12.64
C TYR A 179 -19.28 0.88 12.92
N LEU A 180 -19.69 0.94 14.18
CA LEU A 180 -21.10 0.97 14.53
C LEU A 180 -21.69 2.36 14.28
N VAL A 181 -20.86 3.38 14.52
CA VAL A 181 -21.16 4.77 14.21
C VAL A 181 -21.82 4.91 12.83
N TYR A 182 -21.30 4.20 11.82
CA TYR A 182 -21.63 4.47 10.44
C TYR A 182 -22.89 3.72 10.03
N PRO A 183 -23.64 4.21 9.03
CA PRO A 183 -24.85 3.53 8.56
C PRO A 183 -24.55 2.32 7.70
N PRO A 184 -25.49 1.36 7.59
CA PRO A 184 -25.23 0.05 6.99
C PRO A 184 -24.52 0.09 5.64
N LYS A 185 -24.99 0.97 4.76
CA LYS A 185 -24.48 1.07 3.41
C LYS A 185 -23.01 1.45 3.44
N CYS A 186 -22.58 2.25 4.43
CA CYS A 186 -21.18 2.59 4.55
C CYS A 186 -20.43 1.42 5.17
N GLN A 187 -21.14 0.63 5.97
CA GLN A 187 -20.50 -0.46 6.69
C GLN A 187 -19.99 -1.51 5.72
N ARG A 188 -20.71 -1.73 4.62
CA ARG A 188 -20.32 -2.62 3.54
C ARG A 188 -18.91 -2.31 3.05
N TRP A 189 -18.68 -1.06 2.65
CA TRP A 189 -17.41 -0.69 2.03
C TRP A 189 -16.30 -0.83 3.06
N LEU A 190 -16.61 -0.49 4.32
CA LEU A 190 -15.58 -0.47 5.33
C LEU A 190 -15.15 -1.90 5.61
N PHE A 191 -16.09 -2.83 5.58
CA PHE A 191 -15.76 -4.23 5.83
C PHE A 191 -14.73 -4.72 4.81
N TRP A 192 -14.97 -4.51 3.52
CA TRP A 192 -14.01 -4.91 2.49
C TRP A 192 -12.67 -4.19 2.61
N ALA A 193 -12.69 -2.91 2.99
CA ALA A 193 -11.44 -2.24 3.29
C ALA A 193 -10.69 -2.96 4.42
N CYS A 194 -11.42 -3.47 5.42
CA CYS A 194 -10.81 -4.12 6.57
C CYS A 194 -10.24 -5.49 6.22
N VAL A 195 -11.01 -6.31 5.49
CA VAL A 195 -10.49 -7.52 4.87
C VAL A 195 -9.15 -7.25 4.17
N ILE A 196 -9.05 -6.17 3.39
CA ILE A 196 -7.79 -5.90 2.73
C ILE A 196 -6.71 -5.62 3.77
N PHE A 197 -6.96 -4.68 4.68
CA PHE A 197 -5.97 -4.31 5.68
C PHE A 197 -5.63 -5.46 6.63
N PHE A 198 -6.63 -6.16 7.15
CA PHE A 198 -6.37 -7.20 8.14
C PHE A 198 -6.06 -8.53 7.47
N GLY A 199 -6.40 -8.68 6.19
CA GLY A 199 -6.12 -9.92 5.47
C GLY A 199 -4.79 -9.89 4.73
N PHE A 200 -4.42 -8.74 4.18
CA PHE A 200 -3.32 -8.72 3.26
C PHE A 200 -2.06 -8.17 3.88
N TRP A 201 -2.17 -7.21 4.80
CA TRP A 201 -0.96 -6.63 5.38
C TRP A 201 -0.15 -7.72 6.05
N PRO A 202 -0.78 -8.62 6.82
CA PRO A 202 -0.06 -9.76 7.40
C PRO A 202 0.61 -10.70 6.41
N MET A 203 0.17 -10.69 5.15
CA MET A 203 0.79 -11.51 4.13
C MET A 203 2.24 -11.07 3.93
N PHE A 204 2.52 -9.78 3.94
CA PHE A 204 3.87 -9.34 3.66
C PHE A 204 4.87 -10.08 4.56
N PRO A 205 4.83 -9.93 5.90
CA PRO A 205 5.77 -10.62 6.78
C PRO A 205 5.79 -12.14 6.69
N ILE A 206 4.67 -12.75 6.28
CA ILE A 206 4.67 -14.19 6.07
C ILE A 206 5.42 -14.57 4.80
N LEU A 207 5.42 -13.73 3.78
CA LEU A 207 6.20 -14.05 2.61
C LEU A 207 7.69 -13.98 2.95
N PHE A 208 8.15 -12.99 3.74
CA PHE A 208 9.56 -12.92 4.12
C PHE A 208 10.09 -14.28 4.62
N ILE A 209 9.33 -14.97 5.47
CA ILE A 209 9.75 -16.27 6.00
C ILE A 209 9.96 -17.33 4.91
N PHE A 210 9.20 -17.28 3.80
CA PHE A 210 9.27 -18.38 2.85
C PHE A 210 10.13 -18.00 1.65
N SER A 211 10.72 -16.81 1.74
CA SER A 211 11.54 -16.32 0.66
C SER A 211 12.89 -17.01 0.69
N TRP A 212 13.74 -16.62 -0.26
CA TRP A 212 15.12 -17.04 -0.26
C TRP A 212 15.86 -16.61 1.01
N LEU A 213 15.42 -15.56 1.72
CA LEU A 213 16.11 -15.12 2.93
C LEU A 213 15.57 -15.84 4.19
N GLY A 214 14.58 -16.71 4.01
CA GLY A 214 14.06 -17.55 5.08
C GLY A 214 14.17 -19.03 4.69
N THR A 215 13.03 -19.73 4.58
CA THR A 215 13.05 -21.16 4.31
C THR A 215 13.61 -21.45 2.92
N GLY A 216 13.38 -20.55 1.97
CA GLY A 216 13.90 -20.72 0.62
C GLY A 216 12.94 -21.45 -0.33
N HIS A 217 11.66 -21.12 -0.25
CA HIS A 217 10.64 -21.78 -1.05
C HIS A 217 10.23 -20.92 -2.26
N ILE A 218 10.34 -19.61 -2.12
CA ILE A 218 9.88 -18.68 -3.12
C ILE A 218 11.10 -17.92 -3.65
N SER A 219 11.33 -18.01 -4.96
CA SER A 219 12.41 -17.30 -5.62
C SER A 219 12.21 -15.78 -5.56
N GLN A 220 13.22 -15.03 -5.96
CA GLN A 220 13.13 -13.57 -5.92
C GLN A 220 12.28 -13.09 -7.10
N GLN A 221 12.30 -13.82 -8.23
CA GLN A 221 11.47 -13.45 -9.36
C GLN A 221 10.01 -13.53 -8.93
N ALA A 222 9.63 -14.68 -8.39
CA ALA A 222 8.30 -14.90 -7.87
C ALA A 222 7.95 -13.82 -6.85
N PHE A 223 8.87 -13.51 -5.94
CA PHE A 223 8.67 -12.48 -4.95
C PHE A 223 8.25 -11.16 -5.60
N TYR A 224 8.87 -10.80 -6.72
CA TYR A 224 8.53 -9.57 -7.40
C TYR A 224 7.10 -9.61 -7.93
N ILE A 225 6.75 -10.70 -8.60
CA ILE A 225 5.42 -10.84 -9.17
C ILE A 225 4.36 -10.78 -8.09
N ILE A 226 4.57 -11.48 -6.98
CA ILE A 226 3.59 -11.51 -5.89
C ILE A 226 3.39 -10.10 -5.35
N PHE A 227 4.48 -9.37 -5.21
CA PHE A 227 4.37 -8.05 -4.66
C PHE A 227 3.64 -7.11 -5.60
N ALA A 228 3.67 -7.41 -6.89
CA ALA A 228 3.02 -6.54 -7.84
C ALA A 228 1.51 -6.65 -7.62
N PHE A 229 1.01 -7.89 -7.48
CA PHE A 229 -0.38 -8.18 -7.15
CA PHE A 229 -0.39 -8.13 -7.18
C PHE A 229 -0.75 -7.62 -5.78
N LEU A 230 0.17 -7.72 -4.83
CA LEU A 230 -0.18 -7.23 -3.51
C LEU A 230 -0.29 -5.71 -3.50
N ASP A 231 0.54 -5.01 -4.27
CA ASP A 231 0.51 -3.56 -4.35
C ASP A 231 -0.71 -3.06 -5.11
N LEU A 232 -1.12 -3.82 -6.09
CA LEU A 232 -2.34 -3.46 -6.79
C LEU A 232 -3.56 -3.55 -5.88
N THR A 233 -3.55 -4.48 -4.94
CA THR A 233 -4.66 -4.68 -4.03
C THR A 233 -4.60 -3.68 -2.88
N CYS A 234 -3.41 -3.46 -2.34
CA CYS A 234 -3.29 -2.62 -1.17
C CYS A 234 -3.27 -1.13 -1.49
N LYS A 235 -3.06 -0.74 -2.76
CA LYS A 235 -3.12 0.67 -3.11
C LYS A 235 -4.34 0.97 -3.98
N SER A 236 -4.52 0.24 -5.07
CA SER A 236 -5.62 0.58 -5.94
C SER A 236 -6.96 0.19 -5.34
N ILE A 237 -7.19 -1.11 -5.13
CA ILE A 237 -8.49 -1.57 -4.67
C ILE A 237 -8.81 -0.89 -3.36
N PHE A 238 -7.81 -0.77 -2.48
CA PHE A 238 -7.99 -0.12 -1.19
C PHE A 238 -8.46 1.32 -1.40
N GLY A 239 -7.77 2.04 -2.29
CA GLY A 239 -8.15 3.40 -2.61
C GLY A 239 -9.54 3.47 -3.24
N ILE A 240 -9.90 2.49 -4.06
CA ILE A 240 -11.23 2.57 -4.63
C ILE A 240 -12.23 2.40 -3.51
N LEU A 241 -11.93 1.56 -2.51
CA LEU A 241 -12.89 1.27 -1.45
C LEU A 241 -12.96 2.46 -0.49
N MET A 242 -11.85 3.16 -0.26
CA MET A 242 -11.90 4.38 0.52
C MET A 242 -12.75 5.45 -0.16
N THR A 243 -12.61 5.60 -1.47
CA THR A 243 -13.36 6.57 -2.26
C THR A 243 -14.85 6.34 -2.11
N VAL A 244 -15.30 5.10 -2.30
CA VAL A 244 -16.72 4.84 -2.37
C VAL A 244 -17.33 4.96 -0.98
N PHE A 245 -16.50 4.74 0.06
CA PHE A 245 -16.96 4.82 1.44
C PHE A 245 -17.29 6.28 1.73
N ARG A 246 -16.41 7.19 1.31
CA ARG A 246 -16.67 8.62 1.38
C ARG A 246 -17.88 9.04 0.52
N LEU A 247 -18.04 8.56 -0.71
CA LEU A 247 -19.24 8.93 -1.45
C LEU A 247 -20.50 8.49 -0.70
N GLU A 248 -20.52 7.29 -0.10
CA GLU A 248 -21.69 6.81 0.62
C GLU A 248 -21.97 7.64 1.85
N LEU A 249 -20.89 7.96 2.57
CA LEU A 249 -20.97 8.69 3.82
C LEU A 249 -21.56 10.07 3.56
N GLU A 250 -20.98 10.77 2.57
CA GLU A 250 -21.44 12.08 2.16
C GLU A 250 -22.89 12.05 1.72
N GLU A 251 -23.29 11.08 0.94
CA GLU A 251 -24.68 11.04 0.54
C GLU A 251 -25.56 11.08 1.78
N HIS A 252 -25.13 10.42 2.87
CA HIS A 252 -25.94 10.24 4.08
C HIS A 252 -25.95 11.55 4.88
N THR A 253 -24.78 12.15 5.03
CA THR A 253 -24.58 13.19 6.01
C THR A 253 -24.74 14.57 5.39
N GLU A 254 -24.38 14.71 4.12
CA GLU A 254 -24.32 16.04 3.50
C GLU A 254 -25.46 16.21 2.51
N VAL A 255 -25.61 15.26 1.57
CA VAL A 255 -26.70 15.35 0.62
C VAL A 255 -28.04 15.17 1.32
N GLN A 256 -28.16 14.21 2.24
CA GLN A 256 -29.44 13.93 2.88
C GLN A 256 -29.50 14.49 4.31
N GLY A 257 -28.34 14.92 4.83
CA GLY A 257 -28.30 15.60 6.12
C GLY A 257 -28.92 14.77 7.25
N LEU A 258 -28.34 13.59 7.49
CA LEU A 258 -28.73 12.69 8.56
C LEU A 258 -27.55 12.54 9.53
N PRO A 259 -27.79 12.18 10.81
CA PRO A 259 -26.70 12.01 11.77
C PRO A 259 -26.22 10.57 11.90
N LEU A 260 -24.93 10.42 12.23
CA LEU A 260 -24.35 9.14 12.59
C LEU A 260 -24.89 8.65 13.94
N ASN A 261 -24.63 7.39 14.25
CA ASN A 261 -25.12 6.77 15.47
C ASN A 261 -24.28 7.25 16.65
N GLU A 262 -22.96 7.27 16.47
CA GLU A 262 -22.04 7.77 17.49
C GLU A 262 -22.36 7.14 18.86
C1 RET B . 8.06 -6.36 6.79
C2 RET B . 9.37 -6.44 7.57
C3 RET B . 9.39 -7.43 8.68
C4 RET B . 8.19 -7.42 9.59
C5 RET B . 6.97 -6.78 9.03
C6 RET B . 6.88 -6.30 7.76
C7 RET B . 5.56 -5.90 7.29
C8 RET B . 5.23 -5.37 6.10
C9 RET B . 4.07 -4.69 5.80
C10 RET B . 3.95 -4.14 4.53
C11 RET B . 2.84 -3.50 3.92
C12 RET B . 2.94 -2.98 2.66
C13 RET B . 1.98 -2.30 1.91
C14 RET B . 2.39 -1.77 0.71
C15 RET B . 1.60 -0.91 -0.16
C16 RET B . 8.22 -5.06 5.98
C17 RET B . 7.97 -7.54 5.81
C18 RET B . 5.83 -6.83 10.01
C19 RET B . 2.96 -4.47 6.79
C20 RET B . 0.61 -2.23 2.43
P PSC C . -8.08 18.47 9.48
C01 PSC C . -4.97 19.97 7.23
C02 PSC C . -4.75 18.51 7.55
C03 PSC C . -5.59 17.98 8.70
O01 PSC C . -3.35 18.31 7.88
O02 PSC C . -2.25 18.13 5.93
O03 PSC C . -4.14 20.34 6.10
O04 PSC C . -5.48 22.00 5.42
O11 PSC C . -6.59 18.96 9.08
O12 PSC C . -7.80 17.38 10.62
O13 PSC C . -8.68 17.76 8.30
O14 PSC C . -8.81 19.64 10.08
C1 PSC C . -2.59 17.66 6.98
C2 PSC C . -2.20 16.30 7.42
C3 PSC C . -0.87 15.88 6.86
C4 PSC C . -0.95 15.44 5.43
C5 PSC C . 0.35 15.47 4.71
C6 PSC C . 1.26 14.31 4.99
C7 PSC C . 2.16 13.92 3.82
C19 PSC C . -4.38 21.53 5.54
C20 PSC C . -3.08 22.18 5.09
C21 PSC C . -2.50 21.60 3.82
C22 PSC C . -0.99 21.71 3.76
C23 PSC C . -0.25 20.42 4.02
C24 PSC C . 1.26 20.49 3.93
C25 PSC C . 1.88 19.65 2.82
C26 PSC C . 2.78 18.52 3.29
P PSC D . -25.09 3.55 -5.92
C01 PSC D . -20.68 3.60 -6.91
C02 PSC D . -21.41 2.31 -6.62
C03 PSC D . -22.64 2.51 -5.76
O01 PSC D . -20.44 1.41 -6.01
O02 PSC D . -20.27 0.24 -7.91
O03 PSC D . -19.84 3.38 -8.08
O04 PSC D . -19.24 5.55 -8.19
O11 PSC D . -23.58 3.41 -6.44
C1 PSC D . -19.96 0.40 -6.75
C2 PSC D . -19.10 -0.58 -6.00
C3 PSC D . -17.63 -0.35 -6.09
C4 PSC D . -16.82 -1.62 -5.83
C5 PSC D . -15.39 -1.57 -6.33
C6 PSC D . -14.46 -2.60 -5.73
C7 PSC D . -13.04 -2.10 -5.48
C19 PSC D . -19.03 4.38 -8.45
C20 PSC D . -17.89 3.86 -9.26
C21 PSC D . -16.94 3.03 -8.48
C22 PSC D . -15.87 2.39 -9.35
C23 PSC D . -15.14 3.36 -10.24
C24 PSC D . -14.44 2.72 -11.40
C25 PSC D . -13.11 2.18 -11.05
C26 PSC D . -12.04 3.20 -11.05
C27 PSC D . -10.68 2.65 -11.41
C28 PSC D . -10.40 2.53 -12.87
C29 PSC D . -8.94 2.24 -13.17
C30 PSC D . -8.47 2.55 -14.57
C31 PSC D . -7.09 2.04 -14.88
C32 PSC D . -6.64 2.27 -16.31
C7 PLM E . -11.60 -7.35 -2.07
C8 PLM E . -12.59 -6.28 -2.50
C9 PLM E . -13.96 -6.81 -2.82
CA PLM E . -15.01 -5.73 -3.04
CB PLM E . -16.39 -6.26 -3.35
CC PLM E . -17.50 -5.26 -3.10
CD PLM E . -18.90 -5.83 -3.15
C4 PLM F . 6.79 -17.66 -11.41
C5 PLM F . 5.81 -17.83 -10.26
C6 PLM F . 4.85 -16.68 -10.08
C7 PLM F . 3.75 -16.93 -9.09
C8 PLM F . 3.00 -15.67 -8.69
C9 PLM F . 1.61 -15.89 -8.12
CA PLM F . 0.72 -14.67 -8.17
CB PLM F . 0.15 -14.24 -6.82
CC PLM F . -1.29 -13.79 -6.84
C3 PSC G . 5.13 -20.74 0.29
C4 PSC G . 3.87 -20.40 1.06
C5 PSC G . 3.72 -18.94 1.42
C6 PSC G . 2.61 -18.63 2.40
C2 PLM H . 9.71 -20.18 -7.07
C3 PLM H . 8.33 -19.66 -6.74
C4 PLM H . 7.36 -20.77 -6.35
C5 PLM H . 5.89 -20.42 -6.49
C6 PLM H . 5.39 -19.42 -5.47
C7 PLM H . 4.24 -19.93 -4.63
C8 PLM H . 3.11 -18.94 -4.40
C9 PLM H . 3.21 -18.15 -3.13
CA PLM H . 1.91 -17.58 -2.64
CB PLM H . 1.38 -16.41 -3.44
CC PLM H . 0.94 -15.21 -2.63
C2 PLM I . 25.08 -16.05 15.15
C3 PLM I . 24.83 -15.35 16.47
C4 PLM I . 23.36 -15.35 16.89
C5 PLM I . 22.59 -14.08 16.56
C6 PLM I . 21.09 -14.27 16.61
C7 PLM I . 20.26 -13.03 16.41
C8 PLM I . 19.07 -13.21 15.50
C9 PLM I . 18.05 -14.25 15.97
CA PLM I . 16.92 -13.71 16.82
CB PLM I . 15.62 -14.48 16.71
CC PLM I . 14.50 -13.97 17.60
P PSC J . -6.90 4.47 23.62
C01 PSC J . -3.26 2.35 23.45
C02 PSC J . -3.33 3.46 22.44
C03 PSC J . -4.77 3.81 22.19
O01 PSC J . -2.59 2.99 21.27
O02 PSC J . -3.21 4.46 19.65
O03 PSC J . -3.34 1.08 22.78
O04 PSC J . -1.17 0.87 22.22
O11 PSC J . -5.34 4.14 23.48
O12 PSC J . -7.06 4.74 25.20
O13 PSC J . -7.76 3.26 23.43
O14 PSC J . -7.15 5.68 22.76
C1 PSC J . -2.41 3.75 20.18
C2 PSC J . -1.09 3.47 19.54
C3 PSC J . -1.23 2.89 18.16
C4 PSC J . 0.09 2.33 17.61
C5 PSC J . 0.68 1.23 18.42
C6 PSC J . 2.13 0.95 18.12
C19 PSC J . -2.18 0.41 22.69
C20 PSC J . -2.27 -0.99 23.23
C21 PSC J . -1.02 -1.78 22.98
C22 PSC J . 0.12 -1.38 23.90
C23 PSC J . 1.43 -2.06 23.59
C24 PSC J . 2.49 -1.95 24.66
C25 PSC J . 3.90 -2.21 24.20
C26 PSC J . 4.39 -3.61 24.48
C1 PSC K . 19.39 3.35 -5.85
C2 PSC K . 18.75 4.12 -4.71
C3 PSC K . 17.24 3.97 -4.62
C4 PSC K . 16.48 5.24 -4.78
C5 PSC K . 15.68 5.67 -3.56
C6 PSC K . 14.23 5.89 -3.82
C7 PSC K . 13.66 7.02 -3.01
C8 PSC K . 12.96 8.02 -3.48
C9 PSC K . 11.47 8.19 -3.37
C10 PSC K . 10.87 8.92 -4.53
C11 PSC K . 9.81 8.54 -5.20
C12 PSC K . 9.70 8.46 -6.70
C13 PSC K . 10.97 8.07 -7.35
C14 PSC K . 10.79 7.38 -8.69
C15 PSC K . 10.82 8.28 -9.88
C16 PSC K . 11.99 7.98 -10.76
C1 PSC L . 19.84 9.44 -3.60
C2 PSC L . 20.65 9.61 -4.86
C3 PSC L . 20.60 8.47 -5.83
C4 PSC L . 21.64 7.88 -6.37
C5 PSC L . 21.87 6.40 -6.35
C6 PSC L . 23.32 5.98 -6.31
C7 PSC L . 23.94 5.71 -7.68
C8 PSC L . 25.41 5.35 -7.63
C9 PSC L . 25.70 3.86 -7.79
C1 PSC M . 0.50 6.65 -17.34
C2 PSC M . -0.67 6.50 -16.40
C3 PSC M . -1.97 7.03 -16.95
C4 PSC M . -3.02 5.96 -17.22
C5 PSC M . -4.17 6.42 -18.07
C6 PSC M . -5.52 6.14 -17.49
C7 PSC M . -6.30 7.04 -16.89
C8 PSC M . -7.70 7.39 -17.27
C9 PSC M . -8.70 7.15 -16.17
C10 PSC M . -9.37 8.10 -15.54
C11 PSC M . -10.77 8.52 -15.83
C12 PSC M . -10.96 10.01 -15.97
C13 PSC M . -12.37 10.47 -16.37
C14 PSC M . -13.40 9.37 -16.64
C15 PSC M . -14.42 9.14 -15.52
C01 PSC N . -1.70 0.68 27.33
C02 PSC N . -0.26 0.48 26.89
C03 PSC N . 0.60 -0.25 27.92
O01 PSC N . 0.37 1.77 26.64
O02 PSC N . -0.83 3.29 25.50
O11 PSC N . 0.11 -0.05 29.27
C1 PSC N . 0.04 2.44 25.53
C2 PSC N . 0.90 2.05 24.38
C3 PSC N . 1.28 3.17 23.50
C4 PSC N . 2.48 2.81 22.63
C5 PSC N . 2.25 2.88 21.13
C6 PSC N . 2.66 4.20 20.49
C7 PSC N . 3.31 4.06 19.14
C8 PSC N . 4.65 4.77 19.01
C9 PSC N . 4.57 6.18 18.52
C01 PSC O . -17.51 -6.52 12.31
O03 PSC O . -16.51 -5.66 12.88
O04 PSC O . -14.76 -4.39 12.28
C19 PSC O . -15.44 -5.37 12.13
C20 PSC O . -15.15 -6.41 11.07
C21 PSC O . -13.78 -6.30 10.45
C22 PSC O . -13.75 -6.87 9.04
C23 PSC O . -13.30 -8.31 8.94
C24 PSC O . -11.80 -8.49 8.94
C25 PSC O . -11.33 -9.76 8.29
C26 PSC O . -9.83 -9.81 8.05
C27 PSC O . -9.29 -11.18 7.67
C28 PSC O . -9.95 -11.83 6.48
C6 PSC P . 13.16 -3.86 -25.69
C7 PSC P . 12.79 -3.06 -24.45
C8 PSC P . 11.61 -2.11 -24.62
C9 PSC P . 11.38 -1.28 -23.40
C10 PSC P . 10.25 -0.71 -23.02
C11 PSC P . 10.13 0.55 -22.20
C12 PSC P . 8.73 0.94 -21.85
C13 PSC P . 8.32 1.48 -20.71
C14 PSC P . 6.88 1.53 -20.26
C15 PSC P . 6.68 2.23 -18.97
C16 PSC P . 5.23 2.40 -18.56
C17 PSC P . 4.62 3.73 -18.90
C18 PSC P . 4.99 4.83 -17.93
#